data_5CAI
#
_entry.id   5CAI
#
_cell.length_a   108.210
_cell.length_b   108.210
_cell.length_c   142.190
_cell.angle_alpha   90.000
_cell.angle_beta   90.000
_cell.angle_gamma   90.000
#
_symmetry.space_group_name_H-M   'I 41 2 2'
#
loop_
_entity.id
_entity.type
_entity.pdbx_description
1 polymer 'Putative lipoprotein from the DUF903 family'
2 non-polymer 'CHLORIDE ION'
3 water water
#
_entity_poly.entity_id   1
_entity_poly.type   'polypeptide(L)'
_entity_poly.pdbx_seq_one_letter_code
;GCSSNYV(MSE)HTNDGRTIVTDGKPQTDNDTG(MSE)ISYKDAWGNKQQINRSDVKQLGELDE
;
_entity_poly.pdbx_strand_id   A,B,C,D,E,F
#
loop_
_chem_comp.id
_chem_comp.type
_chem_comp.name
_chem_comp.formula
CL non-polymer 'CHLORIDE ION' 'Cl -1'
#
# COMPACT_ATOMS: atom_id res chain seq x y z
N SER A 3 12.79 -11.10 -2.18
CA SER A 3 12.31 -10.97 -0.80
C SER A 3 13.41 -11.32 0.25
N SER A 4 13.53 -10.46 1.27
CA SER A 4 14.53 -10.55 2.35
C SER A 4 13.87 -10.38 3.73
N ASN A 5 14.43 -11.01 4.77
CA ASN A 5 13.92 -10.93 6.14
C ASN A 5 14.38 -9.64 6.85
N TYR A 6 13.56 -9.16 7.81
CA TYR A 6 13.83 -7.92 8.54
C TYR A 6 13.76 -8.15 10.02
N VAL A 7 14.37 -7.24 10.77
CA VAL A 7 14.34 -7.27 12.22
C VAL A 7 13.74 -5.93 12.69
N MSE A 8 12.78 -5.99 13.62
CA MSE A 8 12.14 -4.84 14.23
C MSE A 8 12.44 -4.82 15.71
O MSE A 8 12.27 -5.82 16.40
CB MSE A 8 10.60 -4.80 14.05
CG MSE A 8 10.15 -4.62 12.62
SE MSE A 8 8.21 -4.47 12.51
CE MSE A 8 7.72 -5.92 13.71
N HIS A 9 12.89 -3.66 16.17
CA HIS A 9 13.14 -3.44 17.59
C HIS A 9 12.02 -2.57 18.09
N THR A 10 11.27 -3.02 19.08
CA THR A 10 10.13 -2.26 19.59
C THR A 10 10.56 -1.39 20.77
N ASN A 11 9.72 -0.41 21.15
CA ASN A 11 10.03 0.47 22.27
C ASN A 11 9.97 -0.27 23.62
N ASP A 12 9.20 -1.39 23.71
CA ASP A 12 9.09 -2.19 24.94
C ASP A 12 10.25 -3.25 25.07
N GLY A 13 11.28 -3.12 24.23
CA GLY A 13 12.47 -3.97 24.27
C GLY A 13 12.42 -5.30 23.55
N ARG A 14 11.37 -5.55 22.76
CA ARG A 14 11.28 -6.79 21.99
C ARG A 14 12.07 -6.70 20.67
N THR A 15 12.42 -7.86 20.12
CA THR A 15 13.11 -8.04 18.85
C THR A 15 12.26 -9.01 18.05
N ILE A 16 11.69 -8.55 16.94
CA ILE A 16 10.81 -9.36 16.07
C ILE A 16 11.46 -9.56 14.70
N VAL A 17 11.63 -10.81 14.27
CA VAL A 17 12.15 -11.17 12.96
C VAL A 17 10.92 -11.35 12.03
N THR A 18 10.96 -10.74 10.87
CA THR A 18 9.84 -10.81 9.95
C THR A 18 10.26 -11.58 8.71
N ASP A 19 9.29 -12.25 8.09
CA ASP A 19 9.46 -12.97 6.85
C ASP A 19 9.02 -11.98 5.77
N GLY A 20 9.99 -11.38 5.09
CA GLY A 20 9.72 -10.32 4.11
C GLY A 20 9.66 -8.95 4.77
N LYS A 21 9.57 -7.89 3.95
CA LYS A 21 9.57 -6.53 4.46
C LYS A 21 8.22 -6.14 5.06
N PRO A 22 8.19 -5.59 6.31
CA PRO A 22 6.91 -5.11 6.85
C PRO A 22 6.33 -3.99 6.00
N GLN A 23 5.01 -3.82 6.06
CA GLN A 23 4.33 -2.81 5.24
CA GLN A 23 4.36 -2.76 5.26
C GLN A 23 3.19 -2.19 5.99
N THR A 24 2.87 -0.93 5.69
CA THR A 24 1.71 -0.27 6.26
C THR A 24 0.48 -1.00 5.67
N ASP A 25 -0.40 -1.49 6.54
CA ASP A 25 -1.63 -2.15 6.11
C ASP A 25 -2.54 -1.09 5.47
N ASN A 26 -3.09 -1.42 4.28
CA ASN A 26 -3.94 -0.55 3.47
C ASN A 26 -5.25 -0.25 4.14
N ASP A 27 -5.71 -1.16 5.03
CA ASP A 27 -7.02 -0.95 5.67
C ASP A 27 -6.87 -0.23 6.98
N THR A 28 -5.88 -0.61 7.80
CA THR A 28 -5.79 -0.10 9.16
C THR A 28 -4.73 0.98 9.40
N GLY A 29 -3.71 1.08 8.56
CA GLY A 29 -2.63 2.04 8.77
C GLY A 29 -1.60 1.53 9.78
N MSE A 30 -1.77 0.28 10.26
CA MSE A 30 -0.82 -0.36 11.19
C MSE A 30 0.34 -0.93 10.38
O MSE A 30 0.23 -1.03 9.16
CB MSE A 30 -1.48 -1.52 11.99
CG MSE A 30 -2.77 -1.20 12.75
SE MSE A 30 -2.40 -0.70 14.56
CE MSE A 30 -1.91 -2.47 15.34
N ILE A 31 1.42 -1.36 11.05
CA ILE A 31 2.54 -2.02 10.40
C ILE A 31 2.20 -3.50 10.37
N SER A 32 2.02 -4.03 9.18
CA SER A 32 1.72 -5.43 8.93
C SER A 32 3.01 -6.22 8.64
N TYR A 33 3.14 -7.42 9.21
CA TYR A 33 4.29 -8.28 8.97
C TYR A 33 3.88 -9.75 9.14
N LYS A 34 4.70 -10.64 8.62
CA LYS A 34 4.54 -12.09 8.73
C LYS A 34 5.64 -12.55 9.69
N ASP A 35 5.26 -13.23 10.77
CA ASP A 35 6.26 -13.67 11.75
C ASP A 35 6.99 -14.94 11.24
N ALA A 36 8.00 -15.38 11.99
CA ALA A 36 8.81 -16.56 11.65
C ALA A 36 7.98 -17.89 11.57
N TRP A 37 6.75 -17.91 12.12
CA TRP A 37 5.83 -19.07 12.10
C TRP A 37 4.80 -18.96 10.94
N GLY A 38 4.93 -17.91 10.10
CA GLY A 38 4.05 -17.66 8.96
C GLY A 38 2.74 -16.95 9.27
N ASN A 39 2.59 -16.46 10.51
CA ASN A 39 1.37 -15.77 10.91
C ASN A 39 1.45 -14.28 10.64
N LYS A 40 0.36 -13.71 10.05
CA LYS A 40 0.25 -12.29 9.77
C LYS A 40 -0.17 -11.53 11.02
N GLN A 41 0.64 -10.54 11.40
CA GLN A 41 0.45 -9.70 12.58
C GLN A 41 0.52 -8.24 12.21
N GLN A 42 -0.05 -7.39 13.04
CA GLN A 42 -0.02 -5.95 12.86
C GLN A 42 0.35 -5.28 14.17
N ILE A 43 1.27 -4.33 14.09
CA ILE A 43 1.67 -3.54 15.24
C ILE A 43 1.63 -2.08 14.86
N ASN A 44 1.61 -1.20 15.86
CA ASN A 44 1.56 0.21 15.64
C ASN A 44 2.96 0.73 15.32
N ARG A 45 3.08 1.59 14.30
CA ARG A 45 4.37 2.19 13.90
C ARG A 45 5.02 2.91 15.06
N SER A 46 4.22 3.58 15.93
CA SER A 46 4.70 4.33 17.09
C SER A 46 5.44 3.45 18.09
N ASP A 47 5.21 2.12 18.03
CA ASP A 47 5.84 1.17 18.95
C ASP A 47 7.12 0.57 18.35
N VAL A 48 7.42 0.87 17.08
CA VAL A 48 8.62 0.41 16.40
C VAL A 48 9.71 1.49 16.57
N LYS A 49 10.84 1.08 17.15
CA LYS A 49 11.97 1.95 17.39
C LYS A 49 12.93 1.93 16.18
N GLN A 50 13.23 0.74 15.65
CA GLN A 50 14.13 0.58 14.51
C GLN A 50 13.68 -0.63 13.69
N LEU A 51 13.95 -0.59 12.40
CA LEU A 51 13.65 -1.62 11.42
C LEU A 51 14.85 -1.70 10.50
N GLY A 52 15.29 -2.91 10.25
CA GLY A 52 16.43 -3.13 9.37
C GLY A 52 16.39 -4.49 8.74
N GLU A 53 16.97 -4.62 7.54
CA GLU A 53 17.01 -5.92 6.88
C GLU A 53 18.03 -6.79 7.56
N LEU A 54 17.66 -8.06 7.79
CA LEU A 54 18.54 -9.05 8.40
C LEU A 54 19.54 -9.52 7.38
N ASP A 55 20.78 -9.76 7.82
CA ASP A 55 21.86 -10.19 6.94
C ASP A 55 22.35 -11.59 7.32
N SER B 3 24.79 13.80 -4.67
CA SER B 3 24.44 13.27 -3.34
C SER B 3 25.34 13.89 -2.24
N SER B 4 24.73 14.23 -1.08
CA SER B 4 25.41 14.88 0.06
C SER B 4 25.09 14.16 1.39
N ASN B 5 26.05 14.15 2.33
CA ASN B 5 25.89 13.52 3.64
C ASN B 5 25.14 14.41 4.65
N TYR B 6 24.43 13.79 5.61
CA TYR B 6 23.64 14.50 6.60
C TYR B 6 24.00 14.05 8.02
N VAL B 7 23.73 14.91 8.99
CA VAL B 7 23.88 14.58 10.41
C VAL B 7 22.48 14.62 11.05
N MSE B 8 22.15 13.54 11.71
CA MSE B 8 20.87 13.31 12.36
C MSE B 8 21.06 13.21 13.86
O MSE B 8 21.91 12.44 14.32
CB MSE B 8 20.30 12.01 11.78
CG MSE B 8 18.85 11.80 12.07
SE MSE B 8 18.12 10.37 10.92
CE MSE B 8 19.19 9.02 11.65
N HIS B 9 20.27 13.98 14.63
CA HIS B 9 20.30 13.95 16.09
C HIS B 9 19.00 13.33 16.54
N THR B 10 19.09 12.28 17.35
CA THR B 10 17.90 11.58 17.83
C THR B 10 17.49 12.09 19.20
N ASN B 11 16.26 11.77 19.64
CA ASN B 11 15.78 12.22 20.94
C ASN B 11 16.48 11.47 22.10
N ASP B 12 17.06 10.28 21.84
CA ASP B 12 17.79 9.51 22.86
C ASP B 12 19.28 9.96 22.97
N GLY B 13 19.61 11.10 22.35
CA GLY B 13 20.94 11.69 22.42
C GLY B 13 22.01 11.17 21.48
N ARG B 14 21.63 10.34 20.49
CA ARG B 14 22.59 9.85 19.52
C ARG B 14 22.81 10.86 18.39
N THR B 15 23.99 10.77 17.74
CA THR B 15 24.38 11.55 16.59
C THR B 15 24.75 10.56 15.49
N ILE B 16 23.97 10.52 14.42
CA ILE B 16 24.12 9.60 13.30
C ILE B 16 24.45 10.37 12.02
N VAL B 17 25.54 9.98 11.35
CA VAL B 17 25.95 10.57 10.08
C VAL B 17 25.35 9.67 9.00
N THR B 18 24.67 10.25 8.01
CA THR B 18 24.02 9.44 6.98
C THR B 18 24.78 9.63 5.66
N ASP B 19 24.77 8.61 4.82
CA ASP B 19 25.34 8.64 3.48
C ASP B 19 24.15 8.93 2.58
N GLY B 20 24.03 10.18 2.16
CA GLY B 20 22.90 10.64 1.38
C GLY B 20 21.77 11.12 2.27
N LYS B 21 20.74 11.72 1.67
CA LYS B 21 19.64 12.27 2.44
C LYS B 21 18.68 11.19 2.91
N PRO B 22 18.31 11.18 4.21
CA PRO B 22 17.29 10.22 4.66
C PRO B 22 15.94 10.44 3.97
N GLN B 23 15.11 9.40 3.89
CA GLN B 23 13.79 9.59 3.27
C GLN B 23 12.76 8.64 3.87
N THR B 24 11.52 9.05 3.84
CA THR B 24 10.39 8.25 4.31
C THR B 24 10.30 7.02 3.42
N ASP B 25 10.34 5.84 4.04
CA ASP B 25 10.21 4.57 3.32
C ASP B 25 8.75 4.45 2.83
N ASN B 26 8.58 4.09 1.55
CA ASN B 26 7.28 3.98 0.90
C ASN B 26 6.42 2.87 1.43
N ASP B 27 7.05 1.83 1.98
CA ASP B 27 6.30 0.69 2.51
C ASP B 27 5.98 0.84 3.97
N THR B 28 6.92 1.33 4.79
CA THR B 28 6.73 1.36 6.25
C THR B 28 6.37 2.72 6.84
N GLY B 29 6.70 3.81 6.15
CA GLY B 29 6.43 5.15 6.66
C GLY B 29 7.47 5.61 7.67
N MSE B 30 8.52 4.81 7.84
CA MSE B 30 9.62 5.17 8.72
C MSE B 30 10.67 5.91 7.96
O MSE B 30 10.57 5.99 6.74
CB MSE B 30 10.13 3.94 9.43
CG MSE B 30 9.23 3.70 10.63
SE MSE B 30 9.51 2.10 11.33
CE MSE B 30 10.92 2.56 12.55
N ILE B 31 11.63 6.53 8.67
CA ILE B 31 12.72 7.28 8.04
C ILE B 31 13.82 6.29 7.71
N SER B 32 14.05 6.08 6.44
CA SER B 32 15.08 5.21 5.91
C SER B 32 16.39 6.01 5.70
N TYR B 33 17.54 5.44 6.07
CA TYR B 33 18.85 6.07 5.85
C TYR B 33 19.92 4.99 5.73
N LYS B 34 21.07 5.38 5.18
CA LYS B 34 22.25 4.55 5.02
C LYS B 34 23.28 5.11 5.98
N ASP B 35 23.84 4.28 6.88
CA ASP B 35 24.84 4.78 7.83
C ASP B 35 26.24 4.88 7.19
N ALA B 36 27.23 5.40 7.94
CA ALA B 36 28.62 5.58 7.49
C ALA B 36 29.31 4.28 7.04
N TRP B 37 28.75 3.14 7.49
CA TRP B 37 29.29 1.81 7.19
CA TRP B 37 29.31 1.83 7.16
C TRP B 37 28.55 1.15 6.01
N GLY B 38 27.62 1.89 5.38
CA GLY B 38 26.83 1.42 4.24
C GLY B 38 25.62 0.58 4.59
N ASN B 39 25.26 0.49 5.87
CA ASN B 39 24.11 -0.30 6.32
C ASN B 39 22.84 0.52 6.28
N LYS B 40 21.77 -0.07 5.71
CA LYS B 40 20.44 0.54 5.57
C LYS B 40 19.65 0.26 6.82
N GLN B 41 19.17 1.31 7.46
CA GLN B 41 18.37 1.29 8.68
C GLN B 41 17.16 2.15 8.49
N GLN B 42 16.18 1.95 9.34
CA GLN B 42 14.96 2.73 9.40
C GLN B 42 14.67 3.07 10.82
N ILE B 43 14.35 4.34 11.06
CA ILE B 43 13.97 4.80 12.40
CA ILE B 43 14.01 4.88 12.37
C ILE B 43 12.68 5.61 12.27
N ASN B 44 12.01 5.79 13.37
CA ASN B 44 10.76 6.52 13.40
C ASN B 44 11.03 8.01 13.38
N ARG B 45 10.25 8.78 12.60
CA ARG B 45 10.38 10.24 12.50
C ARG B 45 10.27 10.91 13.88
N SER B 46 9.40 10.40 14.74
CA SER B 46 9.19 10.93 16.09
C SER B 46 10.44 10.80 16.98
N ASP B 47 11.44 9.99 16.57
CA ASP B 47 12.69 9.83 17.31
C ASP B 47 13.79 10.76 16.77
N VAL B 48 13.55 11.44 15.65
CA VAL B 48 14.49 12.36 15.05
C VAL B 48 14.20 13.79 15.58
N LYS B 49 15.19 14.39 16.21
CA LYS B 49 15.10 15.73 16.78
C LYS B 49 15.55 16.77 15.73
N GLN B 50 16.72 16.55 15.11
CA GLN B 50 17.26 17.46 14.09
CA GLN B 50 17.29 17.45 14.10
C GLN B 50 17.91 16.67 12.97
N LEU B 51 17.95 17.27 11.80
CA LEU B 51 18.55 16.72 10.60
C LEU B 51 19.11 17.88 9.79
N GLY B 52 20.38 17.80 9.45
CA GLY B 52 21.04 18.83 8.70
C GLY B 52 22.11 18.31 7.79
N GLU B 53 22.28 18.99 6.65
CA GLU B 53 23.27 18.70 5.62
C GLU B 53 24.66 19.02 6.14
N LEU B 54 25.65 18.14 5.88
CA LEU B 54 27.05 18.37 6.24
C LEU B 54 27.74 19.16 5.14
N ASP B 55 28.59 20.14 5.53
CA ASP B 55 29.32 21.02 4.61
C ASP B 55 30.66 20.39 4.22
N SER C 4 -7.69 -15.29 -2.52
CA SER C 4 -8.77 -15.40 -3.50
C SER C 4 -8.37 -14.71 -4.81
N ASN C 5 -8.75 -15.32 -5.96
CA ASN C 5 -8.43 -14.87 -7.31
C ASN C 5 -9.41 -13.84 -7.84
N TYR C 6 -8.90 -12.90 -8.65
CA TYR C 6 -9.68 -11.81 -9.22
C TYR C 6 -9.61 -11.79 -10.73
N VAL C 7 -10.62 -11.16 -11.35
CA VAL C 7 -10.72 -10.97 -12.80
CA VAL C 7 -10.73 -10.96 -12.81
C VAL C 7 -10.68 -9.45 -13.04
N MSE C 8 -9.80 -9.03 -13.92
CA MSE C 8 -9.61 -7.64 -14.27
C MSE C 8 -9.90 -7.44 -15.77
O MSE C 8 -9.42 -8.20 -16.61
CB MSE C 8 -8.15 -7.31 -13.92
CG MSE C 8 -7.80 -5.84 -13.96
SE MSE C 8 -6.24 -5.53 -12.78
CE MSE C 8 -4.96 -6.49 -13.80
N HIS C 9 -10.75 -6.47 -16.08
CA HIS C 9 -11.09 -6.12 -17.47
C HIS C 9 -10.46 -4.78 -17.77
N THR C 10 -9.65 -4.72 -18.82
CA THR C 10 -8.95 -3.49 -19.19
C THR C 10 -9.75 -2.73 -20.25
N ASN C 11 -9.40 -1.45 -20.47
CA ASN C 11 -10.11 -0.63 -21.45
C ASN C 11 -9.82 -1.08 -22.90
N ASP C 12 -8.64 -1.75 -23.14
CA ASP C 12 -8.26 -2.26 -24.47
C ASP C 12 -8.88 -3.66 -24.77
N GLY C 13 -9.87 -4.08 -23.96
CA GLY C 13 -10.60 -5.32 -24.15
C GLY C 13 -9.99 -6.60 -23.61
N ARG C 14 -8.87 -6.52 -22.87
CA ARG C 14 -8.26 -7.72 -22.29
C ARG C 14 -8.96 -8.16 -20.99
N THR C 15 -8.82 -9.45 -20.67
CA THR C 15 -9.31 -10.08 -19.46
C THR C 15 -8.11 -10.73 -18.80
N ILE C 16 -7.77 -10.27 -17.59
CA ILE C 16 -6.61 -10.72 -16.81
C ILE C 16 -7.09 -11.37 -15.52
N VAL C 17 -6.67 -12.62 -15.27
CA VAL C 17 -6.96 -13.35 -14.03
C VAL C 17 -5.77 -13.09 -13.12
N THR C 18 -6.02 -12.68 -11.86
CA THR C 18 -4.92 -12.43 -10.93
C THR C 18 -4.92 -13.48 -9.82
N ASP C 19 -3.74 -13.76 -9.28
CA ASP C 19 -3.54 -14.65 -8.15
C ASP C 19 -3.45 -13.72 -6.95
N GLY C 20 -4.55 -13.64 -6.20
CA GLY C 20 -4.69 -12.75 -5.07
C GLY C 20 -5.23 -11.40 -5.53
N LYS C 21 -5.54 -10.54 -4.57
CA LYS C 21 -6.12 -9.23 -4.88
C LYS C 21 -5.06 -8.26 -5.38
N PRO C 22 -5.31 -7.60 -6.54
CA PRO C 22 -4.36 -6.55 -6.99
C PRO C 22 -4.29 -5.39 -5.99
N GLN C 23 -3.20 -4.64 -5.99
CA GLN C 23 -3.10 -3.49 -5.08
C GLN C 23 -2.24 -2.41 -5.68
N THR C 24 -2.45 -1.17 -5.24
CA THR C 24 -1.64 -0.03 -5.66
C THR C 24 -0.22 -0.28 -5.14
N ASP C 25 0.77 -0.26 -6.03
CA ASP C 25 2.16 -0.40 -5.65
C ASP C 25 2.59 0.86 -4.86
N ASN C 26 3.25 0.63 -3.70
CA ASN C 26 3.70 1.71 -2.80
C ASN C 26 4.76 2.58 -3.38
N ASP C 27 5.53 2.05 -4.34
CA ASP C 27 6.61 2.82 -4.95
C ASP C 27 6.17 3.54 -6.20
N THR C 28 5.39 2.88 -7.07
CA THR C 28 5.06 3.44 -8.39
C THR C 28 3.66 4.05 -8.51
N GLY C 29 2.70 3.65 -7.67
CA GLY C 29 1.33 4.13 -7.76
C GLY C 29 0.53 3.41 -8.83
N MSE C 30 1.15 2.38 -9.44
CA MSE C 30 0.49 1.57 -10.45
CA MSE C 30 0.52 1.53 -10.46
C MSE C 30 -0.23 0.41 -9.79
O MSE C 30 -0.03 0.20 -8.58
CB MSE C 30 1.51 1.09 -11.48
CB MSE C 30 1.59 0.95 -11.39
CG MSE C 30 2.07 2.27 -12.22
CG MSE C 30 2.42 1.98 -12.10
SE MSE C 30 3.34 1.90 -13.54
SE MSE C 30 1.85 2.25 -13.87
CE MSE C 30 2.26 0.76 -14.75
CE MSE C 30 2.36 0.57 -14.66
N ILE C 31 -1.10 -0.30 -10.53
CA ILE C 31 -1.83 -1.44 -10.00
C ILE C 31 -0.94 -2.64 -10.17
N SER C 32 -0.51 -3.21 -9.07
CA SER C 32 0.35 -4.38 -8.99
C SER C 32 -0.48 -5.65 -8.84
N TYR C 33 -0.11 -6.72 -9.54
CA TYR C 33 -0.79 -8.00 -9.47
C TYR C 33 0.17 -9.15 -9.88
N LYS C 34 -0.19 -10.35 -9.50
CA LYS C 34 0.52 -11.58 -9.83
C LYS C 34 -0.37 -12.30 -10.85
N ASP C 35 0.17 -12.64 -12.03
CA ASP C 35 -0.65 -13.32 -13.04
C ASP C 35 -0.80 -14.81 -12.71
N ALA C 36 -1.60 -15.54 -13.50
CA ALA C 36 -1.88 -16.97 -13.24
C ALA C 36 -0.62 -17.87 -13.24
N TRP C 37 0.48 -17.35 -13.84
CA TRP C 37 1.74 -18.08 -14.00
CA TRP C 37 1.76 -18.06 -14.00
C TRP C 37 2.77 -17.64 -12.94
N GLY C 38 2.33 -16.85 -11.98
CA GLY C 38 3.15 -16.39 -10.86
C GLY C 38 4.04 -15.20 -11.11
N ASN C 39 3.89 -14.54 -12.27
CA ASN C 39 4.71 -13.39 -12.62
C ASN C 39 4.08 -12.10 -12.13
N LYS C 40 4.90 -11.24 -11.49
CA LYS C 40 4.48 -9.95 -10.95
C LYS C 40 4.47 -8.91 -12.05
N GLN C 41 3.30 -8.27 -12.24
CA GLN C 41 3.08 -7.27 -13.27
C GLN C 41 2.46 -6.03 -12.65
N GLN C 42 2.59 -4.90 -13.33
CA GLN C 42 2.02 -3.63 -12.92
C GLN C 42 1.39 -2.98 -14.12
N ILE C 43 0.15 -2.51 -13.94
CA ILE C 43 -0.64 -1.85 -14.96
CA ILE C 43 -0.58 -1.82 -15.00
C ILE C 43 -1.12 -0.52 -14.40
N ASN C 44 -1.43 0.42 -15.25
CA ASN C 44 -1.95 1.70 -14.85
C ASN C 44 -3.43 1.58 -14.48
N ARG C 45 -3.85 2.21 -13.36
CA ARG C 45 -5.25 2.17 -12.92
C ARG C 45 -6.20 2.70 -14.01
N SER C 46 -5.78 3.75 -14.74
CA SER C 46 -6.59 4.37 -15.80
CA SER C 46 -6.55 4.38 -15.81
C SER C 46 -6.89 3.39 -16.94
N ASP C 47 -6.16 2.24 -17.01
CA ASP C 47 -6.40 1.23 -18.04
C ASP C 47 -7.34 0.12 -17.54
N VAL C 48 -7.67 0.13 -16.24
CA VAL C 48 -8.57 -0.87 -15.65
C VAL C 48 -10.02 -0.34 -15.70
N LYS C 49 -10.89 -1.11 -16.32
CA LYS C 49 -12.32 -0.83 -16.46
CA LYS C 49 -12.32 -0.81 -16.45
C LYS C 49 -13.09 -1.44 -15.29
N GLN C 50 -12.84 -2.72 -15.00
CA GLN C 50 -13.52 -3.48 -13.96
C GLN C 50 -12.58 -4.44 -13.26
N LEU C 51 -12.88 -4.73 -12.00
CA LEU C 51 -12.13 -5.65 -11.19
C LEU C 51 -13.11 -6.30 -10.23
N GLY C 52 -13.11 -7.62 -10.18
CA GLY C 52 -14.00 -8.38 -9.33
C GLY C 52 -13.41 -9.71 -8.93
N GLU C 53 -13.86 -10.23 -7.78
CA GLU C 53 -13.47 -11.51 -7.21
C GLU C 53 -14.04 -12.62 -8.07
N LEU C 54 -13.16 -13.51 -8.53
CA LEU C 54 -13.47 -14.66 -9.36
C LEU C 54 -14.15 -15.75 -8.49
N ASP C 55 -15.23 -16.34 -8.99
CA ASP C 55 -15.98 -17.39 -8.29
C ASP C 55 -15.69 -18.78 -8.86
N SER D 3 17.77 -5.96 -4.95
CA SER D 3 17.36 -5.11 -6.08
C SER D 3 17.17 -5.94 -7.38
N SER D 4 16.03 -5.71 -8.08
CA SER D 4 15.68 -6.41 -9.33
C SER D 4 15.33 -5.42 -10.46
N ASN D 5 15.63 -5.79 -11.71
CA ASN D 5 15.40 -4.99 -12.89
C ASN D 5 13.98 -5.16 -13.42
N TYR D 6 13.48 -4.13 -14.12
CA TYR D 6 12.13 -4.12 -14.67
C TYR D 6 12.10 -3.76 -16.15
N VAL D 7 11.11 -4.30 -16.85
CA VAL D 7 10.75 -3.99 -18.23
C VAL D 7 9.62 -2.97 -18.14
N MSE D 8 9.81 -1.79 -18.71
CA MSE D 8 8.81 -0.73 -18.65
C MSE D 8 8.34 -0.38 -20.06
O MSE D 8 9.15 0.02 -20.89
CB MSE D 8 9.42 0.50 -17.95
CG MSE D 8 8.42 1.63 -17.71
SE MSE D 8 9.17 3.03 -16.59
CE MSE D 8 10.58 3.60 -17.72
N HIS D 9 7.02 -0.55 -20.33
CA HIS D 9 6.47 -0.23 -21.63
CA HIS D 9 6.41 -0.26 -21.63
C HIS D 9 5.69 1.06 -21.51
N THR D 10 6.04 2.03 -22.37
CA THR D 10 5.38 3.33 -22.36
C THR D 10 4.31 3.39 -23.47
N ASN D 11 3.32 4.31 -23.35
CA ASN D 11 2.21 4.43 -24.31
C ASN D 11 2.71 4.94 -25.69
N ASP D 12 3.94 5.50 -25.78
CA ASP D 12 4.55 5.92 -27.06
C ASP D 12 5.21 4.71 -27.83
N GLY D 13 4.95 3.48 -27.38
CA GLY D 13 5.44 2.23 -27.97
C GLY D 13 6.84 1.78 -27.59
N ARG D 14 7.57 2.53 -26.73
CA ARG D 14 8.93 2.19 -26.34
CA ARG D 14 8.93 2.21 -26.30
C ARG D 14 8.94 1.20 -25.17
N THR D 15 10.03 0.41 -25.07
CA THR D 15 10.27 -0.55 -24.01
C THR D 15 11.65 -0.21 -23.43
N ILE D 16 11.70 0.07 -22.15
CA ILE D 16 12.86 0.53 -21.38
C ILE D 16 13.15 -0.48 -20.28
N VAL D 17 14.40 -0.92 -20.16
CA VAL D 17 14.81 -1.78 -19.05
C VAL D 17 15.34 -0.84 -17.95
N THR D 18 14.80 -0.97 -16.73
CA THR D 18 15.21 -0.11 -15.61
C THR D 18 16.18 -0.89 -14.70
N ASP D 19 17.19 -0.21 -14.16
CA ASP D 19 18.13 -0.76 -13.20
C ASP D 19 17.52 -0.46 -11.84
N GLY D 20 16.90 -1.47 -11.23
CA GLY D 20 16.16 -1.28 -9.99
C GLY D 20 14.73 -0.86 -10.27
N LYS D 21 13.89 -0.86 -9.26
CA LYS D 21 12.48 -0.54 -9.41
C LYS D 21 12.24 0.97 -9.55
N PRO D 22 11.45 1.38 -10.57
CA PRO D 22 11.06 2.80 -10.66
C PRO D 22 10.30 3.25 -9.40
N GLN D 23 10.35 4.54 -9.09
CA GLN D 23 9.66 5.06 -7.90
CA GLN D 23 9.70 5.09 -7.90
C GLN D 23 9.11 6.44 -8.17
N THR D 24 8.02 6.79 -7.47
CA THR D 24 7.42 8.12 -7.58
C THR D 24 8.42 9.07 -6.93
N ASP D 25 8.82 10.10 -7.66
CA ASP D 25 9.73 11.12 -7.11
C ASP D 25 8.97 11.95 -6.05
N ASN D 26 9.58 12.13 -4.89
CA ASN D 26 8.98 12.85 -3.75
C ASN D 26 8.78 14.32 -4.00
N ASP D 27 9.58 14.90 -4.90
CA ASP D 27 9.47 16.32 -5.18
C ASP D 27 8.51 16.60 -6.33
N THR D 28 8.55 15.80 -7.39
CA THR D 28 7.78 16.12 -8.61
C THR D 28 6.50 15.27 -8.80
N GLY D 29 6.41 14.08 -8.19
CA GLY D 29 5.28 13.19 -8.38
C GLY D 29 5.36 12.40 -9.68
N MSE D 30 6.48 12.55 -10.40
CA MSE D 30 6.72 11.81 -11.63
CA MSE D 30 6.77 11.83 -11.64
C MSE D 30 7.35 10.47 -11.29
O MSE D 30 7.74 10.25 -10.14
CB MSE D 30 7.59 12.65 -12.56
CB MSE D 30 7.77 12.63 -12.49
CG MSE D 30 6.86 13.90 -12.97
CG MSE D 30 7.29 14.02 -12.87
SE MSE D 30 7.77 15.04 -14.13
SE MSE D 30 6.64 14.12 -14.66
CE MSE D 30 7.96 13.82 -15.69
CE MSE D 30 8.20 13.78 -15.63
N ILE D 31 7.43 9.57 -12.27
CA ILE D 31 8.04 8.25 -12.08
C ILE D 31 9.52 8.40 -12.39
N SER D 32 10.34 8.19 -11.38
CA SER D 32 11.79 8.25 -11.46
C SER D 32 12.37 6.83 -11.73
N TYR D 33 13.37 6.70 -12.60
CA TYR D 33 14.03 5.42 -12.89
C TYR D 33 15.46 5.62 -13.34
N LYS D 34 16.27 4.56 -13.28
CA LYS D 34 17.67 4.55 -13.72
C LYS D 34 17.71 3.70 -14.97
N ASP D 35 18.22 4.24 -16.08
CA ASP D 35 18.30 3.45 -17.32
C ASP D 35 19.52 2.50 -17.30
N ALA D 36 19.65 1.67 -18.35
CA ALA D 36 20.73 0.68 -18.46
C ALA D 36 22.16 1.30 -18.52
N TRP D 37 22.24 2.63 -18.76
CA TRP D 37 23.52 3.33 -18.82
CA TRP D 37 23.51 3.35 -18.82
C TRP D 37 23.80 4.09 -17.51
N GLY D 38 22.96 3.87 -16.50
CA GLY D 38 23.09 4.46 -15.17
C GLY D 38 22.56 5.87 -15.02
N ASN D 39 21.84 6.38 -16.04
CA ASN D 39 21.30 7.74 -16.00
C ASN D 39 19.92 7.76 -15.37
N LYS D 40 19.70 8.71 -14.43
CA LYS D 40 18.43 8.91 -13.71
C LYS D 40 17.51 9.79 -14.54
N GLN D 41 16.32 9.26 -14.83
CA GLN D 41 15.31 9.90 -15.67
C GLN D 41 13.96 9.92 -14.97
N GLN D 42 13.07 10.83 -15.36
CA GLN D 42 11.71 10.92 -14.81
C GLN D 42 10.72 11.05 -15.92
N ILE D 43 9.64 10.27 -15.84
CA ILE D 43 8.56 10.27 -16.82
C ILE D 43 7.26 10.30 -16.07
N ASN D 44 6.21 10.68 -16.75
CA ASN D 44 4.88 10.76 -16.20
C ASN D 44 4.27 9.35 -16.07
N ARG D 45 3.63 9.06 -14.93
CA ARG D 45 2.97 7.78 -14.68
C ARG D 45 1.94 7.47 -15.77
N SER D 46 1.18 8.50 -16.23
CA SER D 46 0.14 8.36 -17.25
CA SER D 46 0.15 8.40 -17.26
C SER D 46 0.71 7.87 -18.58
N ASP D 47 2.06 7.95 -18.77
CA ASP D 47 2.71 7.48 -19.99
C ASP D 47 3.21 6.04 -19.85
N VAL D 48 3.13 5.45 -18.64
CA VAL D 48 3.57 4.08 -18.41
C VAL D 48 2.36 3.16 -18.57
N LYS D 49 2.47 2.22 -19.53
CA LYS D 49 1.43 1.26 -19.85
C LYS D 49 1.61 0.01 -18.96
N GLN D 50 2.84 -0.53 -18.90
CA GLN D 50 3.14 -1.76 -18.16
C GLN D 50 4.50 -1.72 -17.57
N LEU D 51 4.65 -2.42 -16.45
CA LEU D 51 5.92 -2.51 -15.73
C LEU D 51 6.00 -3.95 -15.21
N GLY D 52 6.97 -4.71 -15.71
CA GLY D 52 7.12 -6.11 -15.35
C GLY D 52 8.47 -6.42 -14.75
N GLU D 53 8.48 -7.21 -13.65
CA GLU D 53 9.71 -7.61 -12.99
C GLU D 53 10.41 -8.68 -13.83
N LEU D 54 11.74 -8.57 -13.93
CA LEU D 54 12.57 -9.54 -14.64
C LEU D 54 13.12 -10.56 -13.66
N ASP D 55 13.17 -11.85 -14.08
CA ASP D 55 13.65 -12.98 -13.29
C ASP D 55 15.13 -13.21 -13.52
N SER E 4 -13.24 -12.94 7.78
CA SER E 4 -12.56 -13.54 8.93
C SER E 4 -12.51 -12.57 10.12
N ASN E 5 -12.71 -13.10 11.37
CA ASN E 5 -12.66 -12.40 12.67
C ASN E 5 -11.23 -11.97 13.05
N TYR E 6 -11.09 -10.84 13.73
CA TYR E 6 -9.80 -10.32 14.19
C TYR E 6 -9.83 -10.04 15.67
N VAL E 7 -8.64 -10.02 16.28
CA VAL E 7 -8.39 -9.71 17.70
CA VAL E 7 -8.42 -9.71 17.69
C VAL E 7 -7.53 -8.45 17.76
N MSE E 8 -7.99 -7.46 18.52
CA MSE E 8 -7.33 -6.18 18.76
C MSE E 8 -6.96 -6.06 20.23
O MSE E 8 -7.82 -6.18 21.10
CB MSE E 8 -8.24 -5.03 18.37
CG MSE E 8 -7.97 -4.51 17.01
SE MSE E 8 -8.99 -2.92 16.59
CE MSE E 8 -10.58 -3.19 17.58
N HIS E 9 -5.69 -5.77 20.50
CA HIS E 9 -5.21 -5.57 21.87
C HIS E 9 -4.92 -4.11 22.03
N THR E 10 -5.51 -3.47 23.06
CA THR E 10 -5.34 -2.03 23.24
C THR E 10 -4.24 -1.73 24.29
N ASN E 11 -3.74 -0.48 24.32
CA ASN E 11 -2.68 -0.10 25.24
C ASN E 11 -3.16 -0.06 26.71
N ASP E 12 -4.51 0.02 26.95
CA ASP E 12 -5.09 0.00 28.29
C ASP E 12 -5.47 -1.43 28.71
N GLY E 13 -5.07 -2.42 27.91
CA GLY E 13 -5.25 -3.84 28.22
C GLY E 13 -6.55 -4.52 27.83
N ARG E 14 -7.30 -3.96 26.88
CA ARG E 14 -8.53 -4.59 26.42
C ARG E 14 -8.25 -5.48 25.22
N THR E 15 -9.04 -6.54 25.09
CA THR E 15 -9.02 -7.49 23.98
C THR E 15 -10.39 -7.41 23.31
N ILE E 16 -10.42 -6.96 22.06
CA ILE E 16 -11.66 -6.78 21.28
C ILE E 16 -11.67 -7.73 20.08
N VAL E 17 -12.74 -8.51 19.91
CA VAL E 17 -12.89 -9.37 18.74
C VAL E 17 -13.81 -8.62 17.74
N THR E 18 -13.37 -8.58 16.49
CA THR E 18 -14.10 -7.88 15.45
C THR E 18 -14.72 -8.87 14.48
N ASP E 19 -15.81 -8.49 13.84
CA ASP E 19 -16.45 -9.28 12.81
C ASP E 19 -15.93 -8.69 11.51
N GLY E 20 -14.97 -9.36 10.90
CA GLY E 20 -14.31 -8.84 9.71
C GLY E 20 -13.09 -8.01 10.08
N LYS E 21 -12.31 -7.62 9.09
CA LYS E 21 -11.11 -6.82 9.30
C LYS E 21 -11.43 -5.36 9.62
N PRO E 22 -10.84 -4.79 10.70
CA PRO E 22 -11.04 -3.37 10.98
C PRO E 22 -10.47 -2.48 9.84
N GLN E 23 -10.92 -1.22 9.77
CA GLN E 23 -10.41 -0.32 8.73
C GLN E 23 -10.49 1.12 9.18
N THR E 24 -9.69 1.98 8.60
CA THR E 24 -9.68 3.40 8.90
C THR E 24 -10.98 3.99 8.39
N ASP E 25 -11.74 4.66 9.27
CA ASP E 25 -12.98 5.31 8.90
C ASP E 25 -12.65 6.49 7.98
N ASN E 26 -13.38 6.60 6.85
CA ASN E 26 -13.17 7.62 5.83
C ASN E 26 -13.49 9.00 6.31
N ASP E 27 -14.40 9.12 7.27
CA ASP E 27 -14.83 10.41 7.78
C ASP E 27 -14.00 10.88 8.95
N THR E 28 -13.66 10.00 9.89
CA THR E 28 -12.98 10.41 11.14
C THR E 28 -11.49 10.07 11.21
N GLY E 29 -11.02 9.09 10.46
CA GLY E 29 -9.61 8.71 10.54
C GLY E 29 -9.34 7.75 11.68
N MSE E 30 -10.39 7.36 12.41
CA MSE E 30 -10.30 6.39 13.51
CA MSE E 30 -10.31 6.39 13.50
C MSE E 30 -10.36 4.98 12.94
O MSE E 30 -10.65 4.80 11.75
CB MSE E 30 -11.46 6.60 14.51
CB MSE E 30 -11.48 6.64 14.47
CG MSE E 30 -11.57 7.99 15.08
CG MSE E 30 -11.34 8.01 15.09
SE MSE E 30 -10.97 8.12 16.84
SE MSE E 30 -12.56 8.46 16.39
CE MSE E 30 -12.23 7.12 17.79
CE MSE E 30 -12.30 7.04 17.72
N ILE E 31 -10.09 3.97 13.78
CA ILE E 31 -10.17 2.59 13.38
C ILE E 31 -11.61 2.17 13.60
N SER E 32 -12.30 1.85 12.54
CA SER E 32 -13.69 1.40 12.54
CA SER E 32 -13.68 1.40 12.58
C SER E 32 -13.74 -0.12 12.49
N TYR E 33 -14.63 -0.71 13.26
CA TYR E 33 -14.80 -2.16 13.29
C TYR E 33 -16.23 -2.48 13.66
N LYS E 34 -16.63 -3.70 13.38
CA LYS E 34 -17.95 -4.22 13.67
C LYS E 34 -17.78 -5.19 14.83
N ASP E 35 -18.55 -5.01 15.93
CA ASP E 35 -18.45 -5.89 17.08
C ASP E 35 -19.23 -7.20 16.83
N ALA E 36 -19.19 -8.14 17.80
CA ALA E 36 -19.85 -9.46 17.70
C ALA E 36 -21.37 -9.38 17.45
N TRP E 37 -22.00 -8.25 17.82
CA TRP E 37 -23.45 -8.00 17.73
C TRP E 37 -23.84 -7.24 16.46
N GLY E 38 -22.86 -6.98 15.62
CA GLY E 38 -23.07 -6.28 14.35
C GLY E 38 -23.04 -4.77 14.42
N ASN E 39 -22.69 -4.21 15.58
CA ASN E 39 -22.65 -2.75 15.76
C ASN E 39 -21.29 -2.17 15.40
N LYS E 40 -21.31 -1.06 14.65
CA LYS E 40 -20.11 -0.37 14.20
C LYS E 40 -19.58 0.53 15.30
N GLN E 41 -18.31 0.33 15.64
CA GLN E 41 -17.59 1.05 16.69
C GLN E 41 -16.32 1.63 16.13
N GLN E 42 -15.78 2.65 16.78
CA GLN E 42 -14.53 3.27 16.34
C GLN E 42 -13.62 3.51 17.52
N ILE E 43 -12.34 3.21 17.33
CA ILE E 43 -11.33 3.46 18.35
C ILE E 43 -10.15 4.14 17.67
N ASN E 44 -9.35 4.80 18.44
CA ASN E 44 -8.19 5.51 17.96
C ASN E 44 -7.06 4.54 17.68
N ARG E 45 -6.38 4.66 16.52
CA ARG E 45 -5.26 3.79 16.15
C ARG E 45 -4.16 3.82 17.21
N SER E 46 -3.91 5.01 17.81
CA SER E 46 -2.87 5.21 18.83
CA SER E 46 -2.89 5.23 18.86
C SER E 46 -3.15 4.37 20.11
N ASP E 47 -4.39 3.89 20.28
CA ASP E 47 -4.76 3.04 21.43
C ASP E 47 -4.65 1.55 21.11
N VAL E 48 -4.40 1.20 19.84
CA VAL E 48 -4.27 -0.19 19.41
C VAL E 48 -2.77 -0.57 19.45
N LYS E 49 -2.46 -1.61 20.22
CA LYS E 49 -1.12 -2.13 20.38
C LYS E 49 -0.86 -3.23 19.34
N GLN E 50 -1.82 -4.14 19.13
CA GLN E 50 -1.68 -5.27 18.23
C GLN E 50 -3.00 -5.59 17.59
N LEU E 51 -2.93 -6.15 16.38
CA LEU E 51 -4.10 -6.53 15.60
C LEU E 51 -3.73 -7.79 14.83
N GLY E 52 -4.55 -8.81 14.97
CA GLY E 52 -4.29 -10.08 14.31
C GLY E 52 -5.54 -10.86 13.98
N GLU E 53 -5.43 -11.72 12.97
CA GLU E 53 -6.51 -12.62 12.56
C GLU E 53 -6.70 -13.63 13.67
N LEU E 54 -7.96 -13.88 14.07
CA LEU E 54 -8.25 -14.83 15.16
C LEU E 54 -8.38 -16.24 14.59
N ASP E 55 -7.75 -17.24 15.27
CA ASP E 55 -7.77 -18.67 14.90
C ASP E 55 -9.03 -19.37 15.42
N SER F 3 -28.10 1.99 6.66
CA SER F 3 -27.59 1.76 5.30
C SER F 3 -28.67 2.08 4.24
N SER F 4 -28.26 2.78 3.15
CA SER F 4 -29.11 3.23 2.05
C SER F 4 -28.52 2.86 0.69
N ASN F 5 -29.39 2.52 -0.29
CA ASN F 5 -29.00 2.16 -1.66
C ASN F 5 -28.70 3.38 -2.54
N TYR F 6 -27.80 3.22 -3.51
CA TYR F 6 -27.36 4.29 -4.40
C TYR F 6 -27.50 3.90 -5.85
N VAL F 7 -27.64 4.90 -6.72
CA VAL F 7 -27.71 4.70 -8.16
C VAL F 7 -26.49 5.40 -8.77
N MSE F 8 -25.80 4.68 -9.62
CA MSE F 8 -24.58 5.14 -10.27
C MSE F 8 -24.78 5.14 -11.78
O MSE F 8 -25.16 4.11 -12.36
CB MSE F 8 -23.49 4.17 -9.85
CG MSE F 8 -22.15 4.80 -9.61
SE MSE F 8 -20.88 3.63 -8.65
CE MSE F 8 -21.27 1.99 -9.48
N HIS F 9 -24.51 6.28 -12.43
CA HIS F 9 -24.61 6.40 -13.88
C HIS F 9 -23.20 6.48 -14.44
N THR F 10 -22.85 5.58 -15.37
CA THR F 10 -21.50 5.55 -15.94
C THR F 10 -21.44 6.38 -17.25
N ASN F 11 -20.23 6.71 -17.71
CA ASN F 11 -20.05 7.48 -18.94
C ASN F 11 -20.41 6.68 -20.19
N ASP F 12 -20.36 5.33 -20.12
CA ASP F 12 -20.74 4.44 -21.23
C ASP F 12 -22.27 4.14 -21.26
N GLY F 13 -23.05 4.90 -20.49
CA GLY F 13 -24.52 4.79 -20.48
C GLY F 13 -25.16 3.73 -19.60
N ARG F 14 -24.38 3.08 -18.74
CA ARG F 14 -24.95 2.08 -17.81
C ARG F 14 -25.53 2.74 -16.55
N THR F 15 -26.47 2.04 -15.91
CA THR F 15 -27.09 2.43 -14.64
C THR F 15 -26.91 1.26 -13.69
N ILE F 16 -26.21 1.48 -12.59
CA ILE F 16 -25.89 0.48 -11.58
C ILE F 16 -26.50 0.87 -10.24
N VAL F 17 -27.29 -0.03 -9.65
CA VAL F 17 -27.89 0.16 -8.32
C VAL F 17 -26.96 -0.56 -7.33
N THR F 18 -26.61 0.11 -6.24
CA THR F 18 -25.69 -0.47 -5.27
C THR F 18 -26.42 -0.74 -3.96
N ASP F 19 -25.94 -1.73 -3.20
CA ASP F 19 -26.44 -2.04 -1.86
C ASP F 19 -25.48 -1.34 -0.91
N GLY F 20 -25.90 -0.19 -0.39
CA GLY F 20 -25.03 0.63 0.45
C GLY F 20 -24.24 1.62 -0.39
N LYS F 21 -23.54 2.53 0.27
CA LYS F 21 -22.79 3.57 -0.42
C LYS F 21 -21.49 3.03 -1.02
N PRO F 22 -21.21 3.31 -2.31
CA PRO F 22 -19.91 2.91 -2.88
C PRO F 22 -18.75 3.59 -2.15
N GLN F 23 -17.56 2.97 -2.22
CA GLN F 23 -16.38 3.45 -1.52
CA GLN F 23 -16.39 3.52 -1.55
C GLN F 23 -15.12 3.24 -2.33
N THR F 24 -14.12 4.09 -2.15
CA THR F 24 -12.83 3.90 -2.79
C THR F 24 -12.22 2.65 -2.11
N ASP F 25 -11.80 1.67 -2.91
CA ASP F 25 -11.18 0.46 -2.41
C ASP F 25 -9.80 0.84 -1.83
N ASN F 26 -9.51 0.35 -0.61
CA ASN F 26 -8.27 0.64 0.12
C ASN F 26 -7.04 0.04 -0.51
N ASP F 27 -7.20 -1.02 -1.29
CA ASP F 27 -6.06 -1.65 -1.92
C ASP F 27 -5.81 -1.12 -3.32
N THR F 28 -6.86 -0.89 -4.11
CA THR F 28 -6.68 -0.53 -5.52
C THR F 28 -6.93 0.94 -5.87
N GLY F 29 -7.71 1.67 -5.07
CA GLY F 29 -8.05 3.05 -5.39
C GLY F 29 -9.21 3.15 -6.39
N MSE F 30 -9.81 2.00 -6.77
CA MSE F 30 -10.99 1.91 -7.63
C MSE F 30 -12.22 2.19 -6.79
O MSE F 30 -12.13 2.17 -5.57
CB MSE F 30 -11.16 0.50 -8.25
CG MSE F 30 -9.99 -0.04 -9.03
SE MSE F 30 -10.14 0.29 -10.87
CE MSE F 30 -11.55 -0.94 -11.44
N ILE F 31 -13.38 2.40 -7.43
CA ILE F 31 -14.65 2.55 -6.72
C ILE F 31 -15.19 1.16 -6.53
N SER F 32 -15.34 0.80 -5.27
CA SER F 32 -15.86 -0.47 -4.80
C SER F 32 -17.34 -0.32 -4.46
N TYR F 33 -18.14 -1.32 -4.80
CA TYR F 33 -19.57 -1.32 -4.48
C TYR F 33 -20.09 -2.74 -4.36
N LYS F 34 -21.09 -2.95 -3.53
CA LYS F 34 -21.74 -4.24 -3.31
C LYS F 34 -23.03 -4.26 -4.16
N ASP F 35 -23.22 -5.35 -4.93
CA ASP F 35 -24.41 -5.52 -5.77
C ASP F 35 -25.56 -6.14 -4.97
N ALA F 36 -26.66 -6.45 -5.63
CA ALA F 36 -27.84 -7.07 -5.03
C ALA F 36 -27.60 -8.45 -4.41
N TRP F 37 -26.45 -9.11 -4.75
CA TRP F 37 -26.14 -10.47 -4.33
CA TRP F 37 -26.15 -10.47 -4.29
C TRP F 37 -25.03 -10.53 -3.26
N GLY F 38 -24.64 -9.37 -2.75
CA GLY F 38 -23.59 -9.27 -1.73
C GLY F 38 -22.19 -9.43 -2.27
N ASN F 39 -22.04 -9.35 -3.61
CA ASN F 39 -20.73 -9.43 -4.25
C ASN F 39 -20.14 -8.06 -4.46
N LYS F 40 -18.85 -7.94 -4.17
CA LYS F 40 -18.12 -6.71 -4.33
C LYS F 40 -17.60 -6.59 -5.74
N GLN F 41 -17.88 -5.45 -6.36
CA GLN F 41 -17.45 -5.10 -7.72
C GLN F 41 -16.69 -3.81 -7.67
N GLN F 42 -15.77 -3.61 -8.62
CA GLN F 42 -14.95 -2.39 -8.67
C GLN F 42 -14.94 -1.81 -10.05
N ILE F 43 -15.14 -0.51 -10.12
CA ILE F 43 -15.11 0.25 -11.37
C ILE F 43 -14.24 1.47 -11.16
N ASN F 44 -13.76 2.04 -12.25
CA ASN F 44 -12.90 3.19 -12.18
C ASN F 44 -13.74 4.46 -11.94
N ARG F 45 -13.31 5.34 -11.04
CA ARG F 45 -13.99 6.60 -10.72
C ARG F 45 -14.21 7.44 -11.98
N SER F 46 -13.23 7.46 -12.90
CA SER F 46 -13.25 8.21 -14.16
C SER F 46 -14.40 7.80 -15.08
N ASP F 47 -14.95 6.59 -14.84
CA ASP F 47 -16.05 6.09 -15.64
C ASP F 47 -17.41 6.40 -15.01
N VAL F 48 -17.42 6.97 -13.78
CA VAL F 48 -18.66 7.32 -13.08
C VAL F 48 -19.00 8.78 -13.39
N LYS F 49 -20.19 9.00 -13.94
CA LYS F 49 -20.71 10.31 -14.30
C LYS F 49 -21.48 10.91 -13.12
N GLN F 50 -22.41 10.13 -12.52
CA GLN F 50 -23.28 10.57 -11.44
CA GLN F 50 -23.25 10.57 -11.42
C GLN F 50 -23.43 9.47 -10.40
N LEU F 51 -23.65 9.85 -9.15
CA LEU F 51 -23.86 8.95 -8.04
C LEU F 51 -24.81 9.66 -7.10
N GLY F 52 -25.91 9.00 -6.78
CA GLY F 52 -26.93 9.59 -5.91
C GLY F 52 -27.62 8.54 -5.09
N GLU F 53 -28.05 8.93 -3.88
CA GLU F 53 -28.78 8.05 -2.97
CA GLU F 53 -28.76 8.01 -3.00
C GLU F 53 -30.21 7.87 -3.47
N LEU F 54 -30.74 6.65 -3.35
CA LEU F 54 -32.12 6.33 -3.73
C LEU F 54 -33.09 6.62 -2.59
N ASP F 55 -34.31 7.09 -2.93
CA ASP F 55 -35.36 7.37 -1.94
C ASP F 55 -36.35 6.21 -1.82
CL CL G . -2.26 -4.27 3.02
CL CL H . 2.84 6.83 13.21
CL CL I . 11.47 3.83 -0.39
CL CL J . 5.60 11.12 12.56
CL CL K . 3.61 -2.26 -2.80
CL CL L . 12.31 10.53 -4.59
CL CL M . -15.41 4.19 6.26
CL CL N . -12.64 -0.89 1.17
CL CL O . -9.90 9.63 -10.44
#